data_1WS5
#
_entry.id   1WS5
#
_cell.length_a   78.477
_cell.length_b   99.097
_cell.length_c   105.659
_cell.angle_alpha   90.00
_cell.angle_beta   90.00
_cell.angle_gamma   90.00
#
_symmetry.space_group_name_H-M   'P 21 21 21'
#
loop_
_entity.id
_entity.type
_entity.pdbx_description
1 polymer 'Agglutinin alpha chain'
2 polymer 'Agglutinin beta-3 chain'
3 polymer 'Agglutinin alpha chain'
4 non-polymer 'methyl alpha-D-mannopyranoside'
5 water water
#
loop_
_entity_poly.entity_id
_entity_poly.type
_entity_poly.pdbx_seq_one_letter_code
_entity_poly.pdbx_strand_id
1 'polypeptide(L)'
;GKAFDDGAFTGIREINLSYNKETAIGDFQVVYDLNGSPYVGQNHVSFITGFTPVKISLDFPSEYIMEVSGYTGNVSGYVV
VRSLTFKTNKKTYGPYGVTSGTPFNLPIENGLIVGFKGSIGYWLDYFSMYLSL
;
A,G
2 'polypeptide(L)' DEQSGISQTVIVGPWGAKSA B,D,F,H
3 'polypeptide(L)'
;GKAFDDGAFTGIREINLSYNKETAIGDFQVVYDLNGSPYVGQNHKSFITGFTPVKISLDFPSEYIMEVSGYTGNVSGYVV
VRSLTFKTNKKTYGPYGVTSGTPFNLPIENGLIVGFKGSIGYWLDYFSMYLSL
;
C,E
#
# COMPACT_ATOMS: atom_id res chain seq x y z
N GLY A 1 3.96 23.58 -21.31
CA GLY A 1 2.59 24.04 -20.95
C GLY A 1 2.43 24.24 -19.46
N LYS A 2 1.19 24.31 -19.00
CA LYS A 2 0.92 24.50 -17.59
C LYS A 2 0.73 23.15 -16.90
N ALA A 3 1.57 22.87 -15.91
CA ALA A 3 1.50 21.62 -15.19
C ALA A 3 0.30 21.56 -14.26
N PHE A 4 -0.16 20.33 -13.97
CA PHE A 4 -1.27 20.14 -13.06
C PHE A 4 -1.04 18.82 -12.33
N ASP A 5 -1.65 18.70 -11.16
CA ASP A 5 -1.51 17.48 -10.36
C ASP A 5 -2.79 17.39 -9.52
N ASP A 6 -3.69 16.49 -9.92
CA ASP A 6 -4.94 16.33 -9.20
C ASP A 6 -4.75 15.64 -7.84
N GLY A 7 -3.73 14.80 -7.75
CA GLY A 7 -3.50 14.07 -6.51
C GLY A 7 -4.16 12.69 -6.57
N ALA A 8 -4.27 12.04 -5.42
CA ALA A 8 -4.87 10.71 -5.37
C ALA A 8 -6.26 10.71 -4.74
N PHE A 9 -7.13 9.86 -5.26
CA PHE A 9 -8.49 9.74 -4.74
C PHE A 9 -8.89 8.29 -4.51
N THR A 10 -10.18 8.05 -4.35
CA THR A 10 -10.71 6.72 -4.07
C THR A 10 -10.99 5.91 -5.34
N GLY A 11 -11.22 6.60 -6.45
CA GLY A 11 -11.51 5.94 -7.70
C GLY A 11 -11.85 6.95 -8.78
N ILE A 12 -12.31 6.47 -9.93
CA ILE A 12 -12.66 7.35 -11.04
C ILE A 12 -14.12 7.17 -11.44
N ARG A 13 -14.87 8.27 -11.54
CA ARG A 13 -16.27 8.18 -11.93
C ARG A 13 -16.49 8.63 -13.37
N GLU A 14 -15.79 9.69 -13.76
CA GLU A 14 -15.97 10.20 -15.12
C GLU A 14 -14.73 10.91 -15.64
N ILE A 15 -14.48 10.77 -16.94
CA ILE A 15 -13.36 11.43 -17.57
C ILE A 15 -13.88 12.26 -18.74
N ASN A 16 -13.55 13.55 -18.72
CA ASN A 16 -13.96 14.46 -19.76
C ASN A 16 -12.72 15.01 -20.43
N LEU A 17 -12.56 14.72 -21.72
CA LEU A 17 -11.41 15.20 -22.45
C LEU A 17 -11.83 15.65 -23.84
N SER A 18 -10.96 16.41 -24.49
CA SER A 18 -11.25 16.86 -25.85
C SER A 18 -10.04 16.52 -26.69
N TYR A 19 -10.26 16.33 -27.99
CA TYR A 19 -9.17 15.97 -28.87
C TYR A 19 -9.44 16.47 -30.28
N ASN A 20 -8.41 16.43 -31.10
CA ASN A 20 -8.51 16.82 -32.51
C ASN A 20 -7.89 15.64 -33.22
N LYS A 21 -8.68 14.96 -34.05
CA LYS A 21 -8.20 13.77 -34.75
C LYS A 21 -6.98 13.99 -35.62
N GLU A 22 -6.69 15.23 -35.99
CA GLU A 22 -5.52 15.49 -36.83
C GLU A 22 -4.33 16.08 -36.07
N THR A 23 -4.49 16.32 -34.77
CA THR A 23 -3.36 16.83 -33.99
C THR A 23 -3.14 16.01 -32.72
N ALA A 24 -3.80 16.39 -31.62
CA ALA A 24 -3.60 15.66 -30.38
C ALA A 24 -4.67 15.94 -29.34
N ILE A 25 -4.44 15.43 -28.13
CA ILE A 25 -5.37 15.62 -27.03
C ILE A 25 -5.24 17.04 -26.46
N GLY A 26 -6.38 17.64 -26.16
CA GLY A 26 -6.39 18.98 -25.63
C GLY A 26 -6.79 19.05 -24.16
N ASP A 27 -8.08 19.28 -23.89
CA ASP A 27 -8.55 19.40 -22.51
C ASP A 27 -8.63 18.07 -21.76
N PHE A 28 -8.49 18.15 -20.44
CA PHE A 28 -8.54 16.94 -19.60
C PHE A 28 -9.10 17.28 -18.23
N GLN A 29 -10.15 16.57 -17.84
CA GLN A 29 -10.79 16.81 -16.55
C GLN A 29 -11.33 15.48 -16.04
N VAL A 30 -11.20 15.25 -14.74
CA VAL A 30 -11.67 14.00 -14.17
C VAL A 30 -12.60 14.21 -12.98
N VAL A 31 -13.65 13.41 -12.92
CA VAL A 31 -14.58 13.44 -11.80
C VAL A 31 -14.19 12.19 -11.04
N TYR A 32 -13.57 12.38 -9.87
CA TYR A 32 -13.13 11.28 -9.05
C TYR A 32 -14.16 10.86 -8.03
N ASP A 33 -13.90 9.73 -7.39
CA ASP A 33 -14.75 9.30 -6.31
C ASP A 33 -13.89 9.64 -5.10
N LEU A 34 -14.51 10.19 -4.07
CA LEU A 34 -13.79 10.53 -2.85
C LEU A 34 -14.59 9.91 -1.72
N ASN A 35 -14.24 8.68 -1.37
CA ASN A 35 -14.92 7.97 -0.29
C ASN A 35 -16.42 7.87 -0.47
N GLY A 36 -16.86 7.48 -1.66
CA GLY A 36 -18.27 7.32 -1.92
C GLY A 36 -19.01 8.49 -2.55
N SER A 37 -18.40 9.67 -2.55
CA SER A 37 -19.03 10.85 -3.15
C SER A 37 -18.21 11.37 -4.31
N PRO A 38 -18.87 11.93 -5.33
CA PRO A 38 -18.17 12.45 -6.50
C PRO A 38 -17.34 13.68 -6.11
N TYR A 39 -16.17 13.81 -6.72
CA TYR A 39 -15.32 14.97 -6.46
C TYR A 39 -14.90 15.49 -7.83
N VAL A 40 -15.40 16.67 -8.18
CA VAL A 40 -15.10 17.28 -9.47
C VAL A 40 -13.69 17.85 -9.53
N GLY A 41 -12.85 17.22 -10.35
CA GLY A 41 -11.49 17.69 -10.49
C GLY A 41 -11.46 18.95 -11.32
N GLN A 42 -10.39 19.73 -11.17
CA GLN A 42 -10.23 20.98 -11.91
C GLN A 42 -10.14 20.70 -13.40
N ASN A 43 -10.71 21.58 -14.22
CA ASN A 43 -10.67 21.40 -15.67
C ASN A 43 -9.32 21.91 -16.17
N HIS A 44 -8.55 21.03 -16.78
CA HIS A 44 -7.23 21.41 -17.29
C HIS A 44 -7.43 21.64 -18.77
N VAL A 45 -7.48 22.92 -19.15
CA VAL A 45 -7.75 23.31 -20.53
C VAL A 45 -6.58 23.71 -21.42
N SER A 46 -6.71 23.37 -22.70
CA SER A 46 -5.73 23.72 -23.70
C SER A 46 -5.79 25.23 -23.86
N PHE A 47 -4.71 25.84 -24.37
CA PHE A 47 -4.70 27.27 -24.58
C PHE A 47 -5.39 27.64 -25.89
N ILE A 48 -5.70 26.64 -26.71
CA ILE A 48 -6.37 26.89 -27.98
C ILE A 48 -7.70 26.15 -28.03
N THR A 49 -8.45 26.36 -29.11
CA THR A 49 -9.75 25.71 -29.28
C THR A 49 -9.81 24.82 -30.51
N GLY A 50 -11.01 24.37 -30.84
CA GLY A 50 -11.18 23.54 -32.02
C GLY A 50 -11.18 22.04 -31.73
N PHE A 51 -11.31 21.68 -30.45
CA PHE A 51 -11.31 20.29 -30.04
C PHE A 51 -12.70 19.68 -29.96
N THR A 52 -12.77 18.37 -30.09
CA THR A 52 -14.03 17.63 -30.01
C THR A 52 -14.13 17.09 -28.59
N PRO A 53 -15.19 17.45 -27.87
CA PRO A 53 -15.40 16.99 -26.48
C PRO A 53 -15.83 15.54 -26.43
N VAL A 54 -15.44 14.85 -25.37
CA VAL A 54 -15.80 13.46 -25.17
C VAL A 54 -16.07 13.24 -23.69
N LYS A 55 -17.16 12.55 -23.37
CA LYS A 55 -17.46 12.27 -21.97
C LYS A 55 -17.46 10.77 -21.75
N ILE A 56 -16.65 10.31 -20.81
CA ILE A 56 -16.56 8.89 -20.50
C ILE A 56 -17.16 8.71 -19.10
N SER A 57 -18.40 8.25 -19.05
CA SER A 57 -19.08 8.04 -17.78
C SER A 57 -19.00 6.57 -17.41
N LEU A 58 -18.26 6.26 -16.36
CA LEU A 58 -18.08 4.89 -15.93
C LEU A 58 -19.17 4.48 -14.96
N ASP A 59 -19.51 3.20 -14.97
CA ASP A 59 -20.52 2.66 -14.07
C ASP A 59 -19.83 2.33 -12.75
N PHE A 60 -19.37 3.37 -12.06
CA PHE A 60 -18.68 3.22 -10.79
C PHE A 60 -19.63 2.63 -9.75
N PRO A 61 -19.15 1.68 -8.93
CA PRO A 61 -17.80 1.12 -8.87
C PRO A 61 -17.59 -0.23 -9.57
N SER A 62 -18.62 -0.76 -10.22
CA SER A 62 -18.49 -2.05 -10.89
C SER A 62 -17.61 -1.98 -12.14
N GLU A 63 -17.50 -0.79 -12.74
CA GLU A 63 -16.69 -0.61 -13.93
C GLU A 63 -15.45 0.23 -13.60
N TYR A 64 -14.29 -0.24 -14.03
CA TYR A 64 -13.05 0.46 -13.77
C TYR A 64 -12.02 0.20 -14.87
N ILE A 65 -11.13 1.16 -15.07
CA ILE A 65 -10.10 1.06 -16.09
C ILE A 65 -9.11 -0.06 -15.80
N MET A 66 -8.85 -0.88 -16.81
CA MET A 66 -7.91 -2.00 -16.68
C MET A 66 -6.69 -1.78 -17.55
N GLU A 67 -6.79 -0.83 -18.48
CA GLU A 67 -5.67 -0.52 -19.35
C GLU A 67 -5.80 0.83 -20.02
N VAL A 68 -4.68 1.55 -20.06
CA VAL A 68 -4.63 2.84 -20.70
C VAL A 68 -3.55 2.72 -21.78
N SER A 69 -3.88 3.11 -23.00
CA SER A 69 -2.89 3.03 -24.06
C SER A 69 -3.03 4.28 -24.93
N GLY A 70 -2.04 4.52 -25.78
CA GLY A 70 -2.09 5.68 -26.62
C GLY A 70 -0.84 5.81 -27.47
N TYR A 71 -0.63 7.01 -28.01
CA TYR A 71 0.52 7.29 -28.86
C TYR A 71 1.06 8.66 -28.52
N THR A 72 2.38 8.80 -28.61
CA THR A 72 3.00 10.10 -28.38
C THR A 72 3.74 10.42 -29.67
N GLY A 73 4.00 11.71 -29.90
CA GLY A 73 4.69 12.08 -31.12
C GLY A 73 4.63 13.58 -31.31
N ASN A 74 5.28 14.04 -32.36
CA ASN A 74 5.32 15.45 -32.66
C ASN A 74 4.06 16.05 -33.26
N VAL A 75 3.82 17.30 -32.90
CA VAL A 75 2.76 18.12 -33.45
C VAL A 75 3.63 19.37 -33.55
N SER A 76 3.99 19.74 -34.77
CA SER A 76 4.91 20.83 -34.98
C SER A 76 6.19 20.35 -34.28
N GLY A 77 6.85 21.19 -33.49
CA GLY A 77 8.07 20.71 -32.85
C GLY A 77 7.89 20.02 -31.50
N TYR A 78 6.70 20.10 -30.93
CA TYR A 78 6.44 19.54 -29.61
C TYR A 78 6.04 18.07 -29.56
N VAL A 79 6.65 17.33 -28.63
CA VAL A 79 6.30 15.92 -28.45
C VAL A 79 5.13 15.96 -27.48
N VAL A 80 4.00 15.41 -27.88
CA VAL A 80 2.81 15.41 -27.04
C VAL A 80 2.08 14.07 -27.10
N VAL A 81 0.99 13.97 -26.35
CA VAL A 81 0.19 12.77 -26.34
C VAL A 81 -0.85 12.97 -27.44
N ARG A 82 -0.66 12.26 -28.55
CA ARG A 82 -1.55 12.38 -29.70
C ARG A 82 -2.86 11.62 -29.60
N SER A 83 -2.84 10.51 -28.87
CA SER A 83 -4.03 9.67 -28.78
C SER A 83 -4.11 8.91 -27.47
N LEU A 84 -5.32 8.62 -27.04
CA LEU A 84 -5.55 7.86 -25.82
C LEU A 84 -6.71 6.90 -26.01
N THR A 85 -6.60 5.75 -25.34
CA THR A 85 -7.64 4.73 -25.37
C THR A 85 -7.76 4.23 -23.95
N PHE A 86 -9.00 4.12 -23.46
CA PHE A 86 -9.25 3.63 -22.11
C PHE A 86 -10.06 2.35 -22.22
N LYS A 87 -9.53 1.27 -21.66
CA LYS A 87 -10.22 -0.01 -21.69
C LYS A 87 -10.64 -0.39 -20.27
N THR A 88 -11.94 -0.59 -20.05
CA THR A 88 -12.44 -0.96 -18.74
C THR A 88 -12.82 -2.44 -18.76
N ASN A 89 -13.34 -2.94 -17.63
CA ASN A 89 -13.76 -4.33 -17.56
C ASN A 89 -15.06 -4.53 -18.32
N LYS A 90 -15.67 -3.44 -18.78
CA LYS A 90 -16.92 -3.53 -19.52
C LYS A 90 -16.89 -3.05 -20.96
N LYS A 91 -16.08 -2.04 -21.26
CA LYS A 91 -16.00 -1.51 -22.62
C LYS A 91 -14.64 -0.90 -22.93
N THR A 92 -14.48 -0.47 -24.17
CA THR A 92 -13.27 0.19 -24.63
C THR A 92 -13.69 1.57 -25.11
N TYR A 93 -13.07 2.60 -24.55
CA TYR A 93 -13.39 3.96 -24.95
C TYR A 93 -12.23 4.53 -25.77
N GLY A 94 -12.52 4.86 -27.03
CA GLY A 94 -11.49 5.39 -27.89
C GLY A 94 -11.19 4.40 -29.01
N PRO A 95 -10.08 4.57 -29.73
CA PRO A 95 -9.08 5.63 -29.55
C PRO A 95 -9.57 7.03 -29.89
N TYR A 96 -8.99 8.03 -29.24
CA TYR A 96 -9.32 9.43 -29.47
C TYR A 96 -8.04 10.11 -29.91
N GLY A 97 -8.03 10.64 -31.14
CA GLY A 97 -6.84 11.33 -31.61
C GLY A 97 -6.03 10.60 -32.67
N VAL A 98 -4.82 11.08 -32.92
CA VAL A 98 -3.93 10.48 -33.91
C VAL A 98 -3.39 9.13 -33.41
N THR A 99 -3.76 8.05 -34.10
CA THR A 99 -3.29 6.73 -33.72
C THR A 99 -2.02 6.33 -34.46
N SER A 100 -1.06 7.25 -34.47
CA SER A 100 0.21 7.03 -35.12
C SER A 100 1.28 7.61 -34.22
N GLY A 101 2.51 7.16 -34.37
CA GLY A 101 3.58 7.65 -33.54
C GLY A 101 4.17 6.54 -32.70
N THR A 102 4.62 6.88 -31.50
CA THR A 102 5.21 5.89 -30.61
C THR A 102 4.14 5.42 -29.63
N PRO A 103 3.80 4.13 -29.67
CA PRO A 103 2.78 3.63 -28.75
C PRO A 103 3.27 3.41 -27.33
N PHE A 104 2.33 3.40 -26.40
CA PHE A 104 2.61 3.12 -25.01
C PHE A 104 1.34 2.47 -24.50
N ASN A 105 1.47 1.65 -23.46
CA ASN A 105 0.30 1.01 -22.91
C ASN A 105 0.59 0.55 -21.49
N LEU A 106 -0.40 0.71 -20.63
CA LEU A 106 -0.26 0.31 -19.25
C LEU A 106 -1.39 -0.60 -18.84
N PRO A 107 -1.19 -1.93 -18.93
CA PRO A 107 -2.23 -2.88 -18.54
C PRO A 107 -2.06 -3.05 -17.04
N ILE A 108 -3.17 -3.20 -16.32
CA ILE A 108 -3.10 -3.38 -14.88
C ILE A 108 -3.68 -4.74 -14.53
N GLU A 109 -2.88 -5.62 -13.94
CA GLU A 109 -3.38 -6.94 -13.55
C GLU A 109 -4.06 -6.83 -12.20
N ASN A 110 -3.47 -6.03 -11.32
CA ASN A 110 -4.04 -5.85 -9.99
C ASN A 110 -3.75 -4.43 -9.53
N GLY A 111 -4.81 -3.69 -9.20
CA GLY A 111 -4.65 -2.32 -8.78
C GLY A 111 -5.63 -1.42 -9.50
N LEU A 112 -5.61 -0.13 -9.16
CA LEU A 112 -6.51 0.85 -9.75
C LEU A 112 -5.82 2.19 -10.02
N ILE A 113 -6.32 2.92 -11.02
CA ILE A 113 -5.80 4.24 -11.31
C ILE A 113 -6.61 5.14 -10.36
N VAL A 114 -5.94 5.93 -9.53
CA VAL A 114 -6.65 6.79 -8.59
C VAL A 114 -6.32 8.28 -8.71
N GLY A 115 -5.61 8.66 -9.76
CA GLY A 115 -5.27 10.06 -9.91
C GLY A 115 -4.45 10.35 -11.16
N PHE A 116 -4.44 11.60 -11.57
CA PHE A 116 -3.70 12.02 -12.77
C PHE A 116 -2.91 13.31 -12.50
N LYS A 117 -1.82 13.47 -13.23
CA LYS A 117 -1.00 14.66 -13.15
C LYS A 117 -0.39 14.78 -14.55
N GLY A 118 0.01 15.99 -14.92
CA GLY A 118 0.59 16.15 -16.24
C GLY A 118 0.82 17.61 -16.55
N SER A 119 0.76 17.95 -17.83
CA SER A 119 0.96 19.32 -18.28
C SER A 119 0.23 19.52 -19.59
N ILE A 120 -0.39 20.68 -19.75
CA ILE A 120 -1.11 20.98 -20.97
C ILE A 120 -0.84 22.41 -21.42
N GLY A 121 -0.46 22.55 -22.69
CA GLY A 121 -0.22 23.86 -23.28
C GLY A 121 -1.26 23.91 -24.38
N TYR A 122 -0.83 23.79 -25.63
CA TYR A 122 -1.78 23.76 -26.74
C TYR A 122 -2.37 22.35 -26.70
N TRP A 123 -1.55 21.39 -26.31
CA TRP A 123 -1.96 19.99 -26.23
C TRP A 123 -1.41 19.34 -24.96
N LEU A 124 -1.87 18.13 -24.67
CA LEU A 124 -1.40 17.40 -23.50
C LEU A 124 0.07 17.03 -23.73
N ASP A 125 0.97 17.69 -23.03
CA ASP A 125 2.42 17.45 -23.18
C ASP A 125 2.84 16.08 -22.67
N TYR A 126 2.37 15.74 -21.47
CA TYR A 126 2.70 14.47 -20.85
C TYR A 126 1.77 14.26 -19.67
N PHE A 127 1.72 13.03 -19.18
CA PHE A 127 0.87 12.74 -18.02
C PHE A 127 1.38 11.49 -17.31
N SER A 128 1.04 11.42 -16.03
CA SER A 128 1.40 10.29 -15.18
C SER A 128 0.13 9.87 -14.44
N MET A 129 0.16 8.67 -13.88
CA MET A 129 -1.00 8.17 -13.16
C MET A 129 -0.66 7.64 -11.78
N TYR A 130 -1.53 7.92 -10.82
CA TYR A 130 -1.37 7.43 -9.45
C TYR A 130 -2.02 6.05 -9.42
N LEU A 131 -1.33 5.06 -8.86
CA LEU A 131 -1.84 3.69 -8.77
C LEU A 131 -1.97 3.24 -7.31
N SER A 132 -3.00 2.47 -7.02
CA SER A 132 -3.20 1.98 -5.67
C SER A 132 -4.02 0.71 -5.65
N LEU A 133 -4.00 0.03 -4.51
CA LEU A 133 -4.78 -1.18 -4.32
C LEU A 133 -6.16 -0.72 -3.87
N GLN B 3 9.53 10.77 8.23
CA GLN B 3 8.92 11.30 6.97
C GLN B 3 8.06 12.54 7.26
N SER B 4 7.10 12.81 6.37
CA SER B 4 6.20 13.94 6.54
C SER B 4 4.81 13.45 6.90
N GLY B 5 3.88 14.39 7.02
CA GLY B 5 2.52 14.05 7.35
C GLY B 5 1.65 13.91 6.12
N ILE B 6 2.29 13.68 4.97
CA ILE B 6 1.56 13.53 3.72
C ILE B 6 1.66 12.10 3.20
N SER B 7 0.49 11.51 2.91
CA SER B 7 0.40 10.15 2.41
C SER B 7 1.05 9.98 1.05
N GLN B 8 1.60 8.80 0.78
CA GLN B 8 2.28 8.49 -0.48
C GLN B 8 1.50 7.49 -1.33
N THR B 9 1.78 7.51 -2.62
CA THR B 9 1.13 6.62 -3.57
C THR B 9 2.08 6.28 -4.72
N VAL B 10 1.92 5.10 -5.30
CA VAL B 10 2.75 4.72 -6.44
C VAL B 10 2.35 5.62 -7.61
N ILE B 11 3.33 6.08 -8.37
CA ILE B 11 3.06 6.93 -9.53
C ILE B 11 3.86 6.41 -10.72
N VAL B 12 3.18 6.12 -11.81
CA VAL B 12 3.86 5.63 -13.01
C VAL B 12 3.75 6.72 -14.06
N GLY B 13 4.78 6.84 -14.88
CA GLY B 13 4.81 7.86 -15.91
C GLY B 13 6.06 8.70 -15.73
N PRO B 14 6.19 9.80 -16.47
CA PRO B 14 5.21 10.26 -17.46
C PRO B 14 5.44 9.72 -18.86
N TRP B 15 4.40 9.82 -19.68
CA TRP B 15 4.46 9.43 -21.07
C TRP B 15 4.21 10.73 -21.81
N GLY B 16 4.98 10.98 -22.87
CA GLY B 16 4.85 12.22 -23.61
C GLY B 16 6.21 12.91 -23.65
N ALA B 17 6.21 14.24 -23.58
CA ALA B 17 7.45 15.01 -23.62
C ALA B 17 8.33 14.70 -22.42
N LYS B 18 9.64 14.85 -22.60
CA LYS B 18 10.60 14.61 -21.52
C LYS B 18 10.54 15.72 -20.47
N GLY C 1 4.58 -21.31 -23.47
CA GLY C 1 5.79 -21.74 -22.73
C GLY C 1 5.48 -22.05 -21.28
N LYS C 2 6.53 -22.19 -20.48
CA LYS C 2 6.40 -22.49 -19.06
C LYS C 2 6.22 -21.21 -18.24
N ALA C 3 5.08 -21.07 -17.58
CA ALA C 3 4.82 -19.90 -16.77
C ALA C 3 5.63 -19.90 -15.48
N PHE C 4 5.88 -18.71 -14.94
CA PHE C 4 6.61 -18.56 -13.69
C PHE C 4 6.10 -17.33 -12.97
N ASP C 5 6.24 -17.33 -11.65
CA ASP C 5 5.78 -16.20 -10.84
C ASP C 5 6.69 -16.17 -9.63
N ASP C 6 7.62 -15.22 -9.61
CA ASP C 6 8.55 -15.11 -8.48
C ASP C 6 7.87 -14.55 -7.24
N GLY C 7 6.82 -13.76 -7.42
CA GLY C 7 6.15 -13.17 -6.29
C GLY C 7 6.79 -11.82 -5.96
N ALA C 8 6.45 -11.27 -4.78
CA ALA C 8 6.98 -9.98 -4.38
C ALA C 8 8.05 -10.06 -3.31
N PHE C 9 9.04 -9.17 -3.40
CA PHE C 9 10.12 -9.13 -2.44
C PHE C 9 10.34 -7.71 -1.90
N THR C 10 11.48 -7.49 -1.26
CA THR C 10 11.82 -6.20 -0.67
C THR C 10 12.50 -5.26 -1.65
N GLY C 11 13.12 -5.84 -2.67
CA GLY C 11 13.83 -5.05 -3.66
C GLY C 11 14.55 -5.94 -4.66
N ILE C 12 15.37 -5.34 -5.51
CA ILE C 12 16.11 -6.09 -6.53
C ILE C 12 17.60 -5.83 -6.41
N ARG C 13 18.39 -6.90 -6.43
CA ARG C 13 19.85 -6.78 -6.32
C ARG C 13 20.58 -7.09 -7.62
N GLU C 14 20.09 -8.09 -8.35
CA GLU C 14 20.75 -8.48 -9.59
C GLU C 14 19.79 -9.14 -10.55
N ILE C 15 19.98 -8.86 -11.83
CA ILE C 15 19.15 -9.47 -12.87
C ILE C 15 20.08 -10.13 -13.88
N ASN C 16 19.77 -11.38 -14.21
CA ASN C 16 20.55 -12.14 -15.18
C ASN C 16 19.61 -12.56 -16.30
N LEU C 17 19.90 -12.12 -17.51
CA LEU C 17 19.07 -12.49 -18.65
C LEU C 17 19.98 -12.85 -19.81
N SER C 18 19.40 -13.45 -20.85
CA SER C 18 20.17 -13.80 -22.02
C SER C 18 19.37 -13.38 -23.24
N TYR C 19 20.05 -13.13 -24.34
CA TYR C 19 19.35 -12.71 -25.54
C TYR C 19 20.09 -13.23 -26.77
N ASN C 20 19.44 -13.13 -27.92
CA ASN C 20 20.03 -13.54 -29.18
C ASN C 20 19.84 -12.34 -30.10
N LYS C 21 20.91 -11.91 -30.75
CA LYS C 21 20.86 -10.75 -31.63
C LYS C 21 19.89 -10.83 -32.80
N GLU C 22 19.41 -12.03 -33.10
CA GLU C 22 18.47 -12.20 -34.22
C GLU C 22 17.07 -12.61 -33.82
N THR C 23 16.88 -12.99 -32.56
CA THR C 23 15.55 -13.42 -32.14
C THR C 23 14.92 -12.62 -31.01
N ALA C 24 15.14 -13.06 -29.78
CA ALA C 24 14.54 -12.38 -28.64
C ALA C 24 15.22 -12.74 -27.34
N ILE C 25 14.60 -12.35 -26.23
CA ILE C 25 15.13 -12.63 -24.91
C ILE C 25 14.88 -14.09 -24.56
N GLY C 26 15.87 -14.73 -23.96
CA GLY C 26 15.74 -16.12 -23.58
C GLY C 26 15.55 -16.37 -22.09
N ASP C 27 16.65 -16.51 -21.37
CA ASP C 27 16.61 -16.79 -19.94
C ASP C 27 16.38 -15.54 -19.10
N PHE C 28 15.80 -15.73 -17.93
CA PHE C 28 15.54 -14.60 -17.03
C PHE C 28 15.63 -15.10 -15.59
N GLN C 29 16.44 -14.44 -14.78
CA GLN C 29 16.58 -14.83 -13.38
C GLN C 29 16.93 -13.60 -12.55
N VAL C 30 16.37 -13.52 -11.35
CA VAL C 30 16.58 -12.38 -10.49
C VAL C 30 17.06 -12.74 -9.08
N VAL C 31 17.98 -11.94 -8.56
CA VAL C 31 18.44 -12.12 -7.19
C VAL C 31 17.74 -10.97 -6.50
N TYR C 32 16.78 -11.30 -5.64
CA TYR C 32 16.03 -10.28 -4.93
C TYR C 32 16.64 -9.99 -3.58
N ASP C 33 16.09 -8.99 -2.92
CA ASP C 33 16.50 -8.69 -1.57
C ASP C 33 15.26 -9.13 -0.82
N LEU C 34 15.47 -9.77 0.32
CA LEU C 34 14.38 -10.21 1.16
C LEU C 34 14.74 -9.72 2.55
N ASN C 35 14.17 -8.58 2.93
CA ASN C 35 14.41 -8.00 4.24
C ASN C 35 15.90 -7.84 4.57
N GLY C 36 16.68 -7.38 3.60
CA GLY C 36 18.09 -7.18 3.83
C GLY C 36 19.03 -8.30 3.45
N SER C 37 18.48 -9.46 3.08
CA SER C 37 19.31 -10.59 2.70
C SER C 37 19.04 -10.98 1.25
N PRO C 38 20.10 -11.35 0.51
CA PRO C 38 19.91 -11.75 -0.88
C PRO C 38 19.05 -13.00 -0.93
N TYR C 39 18.18 -13.09 -1.92
CA TYR C 39 17.33 -14.26 -2.09
C TYR C 39 17.40 -14.57 -3.58
N VAL C 40 17.96 -15.72 -3.91
CA VAL C 40 18.13 -16.11 -5.30
C VAL C 40 16.87 -16.72 -5.91
N GLY C 41 16.29 -16.02 -6.88
CA GLY C 41 15.09 -16.53 -7.52
C GLY C 41 15.42 -17.67 -8.45
N GLN C 42 14.41 -18.47 -8.78
CA GLN C 42 14.59 -19.61 -9.68
C GLN C 42 15.03 -19.10 -11.04
N ASN C 43 15.92 -19.83 -11.70
CA ASN C 43 16.38 -19.45 -13.03
C ASN C 43 15.33 -19.94 -14.02
N HIS C 44 14.72 -19.00 -14.75
CA HIS C 44 13.71 -19.34 -15.73
C HIS C 44 14.43 -19.41 -17.06
N LYS C 45 14.65 -20.63 -17.54
CA LYS C 45 15.40 -20.85 -18.77
C LYS C 45 14.62 -21.21 -20.02
N SER C 46 15.14 -20.74 -21.15
CA SER C 46 14.56 -21.01 -22.45
C SER C 46 14.74 -22.50 -22.74
N PHE C 47 13.89 -23.05 -23.61
CA PHE C 47 13.98 -24.45 -24.00
C PHE C 47 15.17 -24.70 -24.93
N ILE C 48 15.66 -23.65 -25.57
CA ILE C 48 16.79 -23.82 -26.49
C ILE C 48 18.03 -23.08 -26.01
N THR C 49 19.11 -23.24 -26.75
CA THR C 49 20.38 -22.60 -26.41
C THR C 49 20.82 -21.59 -27.47
N GLY C 50 22.03 -21.06 -27.31
CA GLY C 50 22.58 -20.11 -28.26
C GLY C 50 22.40 -18.65 -27.89
N PHE C 51 22.11 -18.37 -26.62
CA PHE C 51 21.90 -17.00 -26.15
C PHE C 51 23.16 -16.41 -25.52
N THR C 52 23.23 -15.09 -25.50
CA THR C 52 24.36 -14.38 -24.90
C THR C 52 23.88 -13.94 -23.52
N PRO C 53 24.59 -14.37 -22.46
CA PRO C 53 24.19 -14.00 -21.10
C PRO C 53 24.62 -12.59 -20.70
N VAL C 54 23.81 -11.95 -19.86
CA VAL C 54 24.09 -10.61 -19.38
C VAL C 54 23.79 -10.55 -17.89
N LYS C 55 24.69 -9.97 -17.12
CA LYS C 55 24.48 -9.84 -15.68
C LYS C 55 24.39 -8.35 -15.33
N ILE C 56 23.28 -7.98 -14.71
CA ILE C 56 23.04 -6.61 -14.29
C ILE C 56 23.14 -6.59 -12.77
N SER C 57 24.28 -6.14 -12.25
CA SER C 57 24.49 -6.09 -10.81
C SER C 57 24.24 -4.68 -10.29
N LEU C 58 23.15 -4.50 -9.55
CA LEU C 58 22.80 -3.18 -9.02
C LEU C 58 23.44 -2.91 -7.66
N ASP C 59 23.77 -1.65 -7.41
CA ASP C 59 24.37 -1.28 -6.14
C ASP C 59 23.24 -1.05 -5.14
N PHE C 60 22.61 -2.15 -4.75
CA PHE C 60 21.50 -2.12 -3.79
C PHE C 60 21.99 -1.64 -2.43
N PRO C 61 21.20 -0.79 -1.74
CA PRO C 61 19.90 -0.24 -2.10
C PRO C 61 19.93 1.18 -2.67
N SER C 62 21.12 1.74 -2.88
CA SER C 62 21.21 3.11 -3.41
C SER C 62 20.82 3.20 -4.88
N GLU C 63 21.02 2.10 -5.62
CA GLU C 63 20.67 2.06 -7.03
C GLU C 63 19.42 1.20 -7.21
N TYR C 64 18.44 1.73 -7.93
CA TYR C 64 17.19 1.01 -8.18
C TYR C 64 16.65 1.37 -9.55
N ILE C 65 15.84 0.47 -10.13
CA ILE C 65 15.25 0.66 -11.45
C ILE C 65 14.22 1.79 -11.46
N MET C 66 14.33 2.69 -12.44
CA MET C 66 13.37 3.80 -12.56
C MET C 66 12.54 3.68 -13.84
N GLU C 67 12.98 2.84 -14.76
CA GLU C 67 12.24 2.64 -15.99
C GLU C 67 12.62 1.35 -16.69
N VAL C 68 11.61 0.64 -17.17
CA VAL C 68 11.84 -0.59 -17.91
C VAL C 68 11.20 -0.36 -19.28
N SER C 69 11.93 -0.67 -20.33
CA SER C 69 11.38 -0.50 -21.67
C SER C 69 11.84 -1.65 -22.54
N GLY C 70 11.24 -1.78 -23.71
CA GLY C 70 11.63 -2.86 -24.58
C GLY C 70 10.76 -2.89 -25.81
N TYR C 71 10.81 -4.03 -26.51
CA TYR C 71 10.04 -4.24 -27.72
C TYR C 71 9.41 -5.61 -27.71
N THR C 72 8.21 -5.71 -28.29
CA THR C 72 7.53 -6.99 -28.42
C THR C 72 7.35 -7.15 -29.92
N GLY C 73 7.42 -8.39 -30.39
CA GLY C 73 7.27 -8.61 -31.81
C GLY C 73 7.15 -10.08 -32.15
N ASN C 74 6.89 -10.35 -33.43
CA ASN C 74 6.73 -11.72 -33.89
C ASN C 74 8.05 -12.39 -34.24
N VAL C 75 8.25 -13.58 -33.68
CA VAL C 75 9.45 -14.36 -33.95
C VAL C 75 8.96 -15.77 -34.27
N SER C 76 9.17 -16.21 -35.51
CA SER C 76 8.74 -17.54 -35.94
C SER C 76 7.26 -17.80 -35.63
N GLY C 77 6.44 -16.76 -35.77
CA GLY C 77 5.01 -16.92 -35.52
C GLY C 77 4.53 -16.61 -34.11
N TYR C 78 5.46 -16.37 -33.19
CA TYR C 78 5.07 -16.08 -31.81
C TYR C 78 5.38 -14.65 -31.41
N VAL C 79 4.46 -14.02 -30.70
CA VAL C 79 4.67 -12.66 -30.23
C VAL C 79 5.42 -12.81 -28.91
N VAL C 80 6.64 -12.30 -28.86
CA VAL C 80 7.47 -12.41 -27.67
C VAL C 80 8.16 -11.09 -27.34
N VAL C 81 8.85 -11.06 -26.20
CA VAL C 81 9.59 -9.88 -25.77
C VAL C 81 10.94 -9.98 -26.45
N ARG C 82 11.18 -9.09 -27.42
CA ARG C 82 12.42 -9.13 -28.18
C ARG C 82 13.59 -8.36 -27.60
N SER C 83 13.29 -7.36 -26.79
CA SER C 83 14.35 -6.54 -26.22
C SER C 83 13.91 -5.95 -24.88
N LEU C 84 14.90 -5.68 -24.03
CA LEU C 84 14.66 -5.08 -22.72
C LEU C 84 15.76 -4.08 -22.42
N THR C 85 15.37 -3.01 -21.73
CA THR C 85 16.32 -1.99 -21.33
C THR C 85 15.92 -1.62 -19.90
N PHE C 86 16.90 -1.54 -19.02
CA PHE C 86 16.65 -1.16 -17.64
C PHE C 86 17.40 0.11 -17.32
N LYS C 87 16.68 1.14 -16.92
CA LYS C 87 17.31 2.41 -16.56
C LYS C 87 17.21 2.61 -15.05
N THR C 88 18.34 2.83 -14.39
CA THR C 88 18.33 3.06 -12.96
C THR C 88 18.63 4.53 -12.70
N ASN C 89 18.71 4.90 -11.42
CA ASN C 89 19.01 6.28 -11.08
C ASN C 89 20.51 6.53 -11.30
N LYS C 90 21.25 5.49 -11.67
CA LYS C 90 22.69 5.63 -11.90
C LYS C 90 23.12 5.44 -13.35
N LYS C 91 22.49 4.54 -14.09
CA LYS C 91 22.85 4.33 -15.48
C LYS C 91 21.83 3.51 -16.23
N THR C 92 22.07 3.34 -17.53
CA THR C 92 21.17 2.56 -18.38
C THR C 92 21.82 1.24 -18.75
N TYR C 93 21.07 0.16 -18.58
CA TYR C 93 21.55 -1.17 -18.91
C TYR C 93 20.78 -1.65 -20.12
N GLY C 94 21.47 -1.78 -21.24
CA GLY C 94 20.83 -2.22 -22.46
C GLY C 94 20.85 -1.13 -23.51
N PRO C 95 20.05 -1.25 -24.58
CA PRO C 95 19.12 -2.36 -24.82
C PRO C 95 19.78 -3.70 -25.09
N TYR C 96 19.08 -4.77 -24.72
CA TYR C 96 19.56 -6.12 -24.93
C TYR C 96 18.55 -6.79 -25.85
N GLY C 97 19.05 -7.44 -26.89
CA GLY C 97 18.15 -8.11 -27.81
C GLY C 97 17.91 -7.34 -29.10
N VAL C 98 16.74 -7.56 -29.69
CA VAL C 98 16.38 -6.92 -30.95
C VAL C 98 15.42 -5.75 -30.75
N THR C 99 15.88 -4.55 -31.12
CA THR C 99 15.07 -3.35 -30.98
C THR C 99 14.22 -3.12 -32.22
N SER C 100 13.24 -3.98 -32.41
CA SER C 100 12.34 -3.91 -33.54
C SER C 100 10.97 -4.44 -33.12
N GLY C 101 9.92 -3.86 -33.68
CA GLY C 101 8.58 -4.29 -33.34
C GLY C 101 7.81 -3.18 -32.64
N THR C 102 7.02 -3.53 -31.63
CA THR C 102 6.24 -2.54 -30.90
C THR C 102 6.89 -2.20 -29.57
N PRO C 103 7.24 -0.93 -29.36
CA PRO C 103 7.88 -0.58 -28.09
C PRO C 103 6.87 -0.46 -26.94
N PHE C 104 7.40 -0.51 -25.73
CA PHE C 104 6.58 -0.34 -24.54
C PHE C 104 7.56 0.21 -23.52
N ASN C 105 7.06 0.95 -22.54
CA ASN C 105 7.95 1.49 -21.52
C ASN C 105 7.16 1.83 -20.28
N LEU C 106 7.79 1.57 -19.13
CA LEU C 106 7.15 1.84 -17.86
C LEU C 106 8.06 2.68 -16.99
N PRO C 107 7.88 4.01 -17.00
CA PRO C 107 8.71 4.88 -16.17
C PRO C 107 8.03 4.92 -14.81
N ILE C 108 8.81 5.00 -13.73
CA ILE C 108 8.24 5.05 -12.39
C ILE C 108 8.64 6.36 -11.72
N GLU C 109 7.66 7.18 -11.32
CA GLU C 109 7.97 8.45 -10.66
C GLU C 109 8.13 8.19 -9.17
N ASN C 110 7.29 7.31 -8.63
CA ASN C 110 7.36 6.98 -7.21
C ASN C 110 6.97 5.52 -7.02
N GLY C 111 7.84 4.77 -6.37
CA GLY C 111 7.58 3.35 -6.15
C GLY C 111 8.74 2.51 -6.60
N LEU C 112 8.61 1.20 -6.43
CA LEU C 112 9.67 0.26 -6.78
C LEU C 112 9.14 -1.02 -7.41
N ILE C 113 9.95 -1.62 -8.27
CA ILE C 113 9.60 -2.90 -8.88
C ILE C 113 10.12 -3.90 -7.85
N VAL C 114 9.25 -4.78 -7.37
CA VAL C 114 9.65 -5.74 -6.35
C VAL C 114 9.40 -7.20 -6.72
N GLY C 115 9.08 -7.46 -7.98
CA GLY C 115 8.86 -8.83 -8.39
C GLY C 115 8.53 -8.97 -9.86
N PHE C 116 8.71 -10.19 -10.38
CA PHE C 116 8.44 -10.48 -11.78
C PHE C 116 7.68 -11.79 -11.94
N LYS C 117 6.89 -11.87 -13.01
CA LYS C 117 6.15 -13.08 -13.35
C LYS C 117 6.06 -13.05 -14.87
N GLY C 118 5.81 -14.20 -15.47
CA GLY C 118 5.72 -14.24 -16.92
C GLY C 118 5.72 -15.66 -17.44
N SER C 119 6.22 -15.83 -18.66
CA SER C 119 6.28 -17.15 -19.28
C SER C 119 7.41 -17.22 -20.27
N ILE C 120 8.10 -18.35 -20.32
CA ILE C 120 9.20 -18.53 -21.23
C ILE C 120 9.13 -19.90 -21.91
N GLY C 121 9.20 -19.91 -23.23
CA GLY C 121 9.19 -21.13 -24.00
C GLY C 121 10.55 -21.09 -24.66
N TYR C 122 10.59 -20.89 -25.98
CA TYR C 122 11.87 -20.74 -26.66
C TYR C 122 12.38 -19.36 -26.25
N TRP C 123 11.44 -18.43 -26.08
CA TRP C 123 11.76 -17.06 -25.69
C TRP C 123 10.79 -16.55 -24.63
N LEU C 124 11.05 -15.35 -24.13
CA LEU C 124 10.18 -14.74 -23.11
C LEU C 124 8.87 -14.32 -23.79
N ASP C 125 7.80 -15.07 -23.51
CA ASP C 125 6.49 -14.81 -24.09
C ASP C 125 5.86 -13.51 -23.62
N TYR C 126 5.89 -13.29 -22.31
CA TYR C 126 5.33 -12.09 -21.73
C TYR C 126 5.79 -11.99 -20.29
N PHE C 127 5.62 -10.81 -19.71
CA PHE C 127 5.99 -10.61 -18.32
C PHE C 127 5.24 -9.43 -17.73
N SER C 128 5.09 -9.47 -16.41
CA SER C 128 4.41 -8.43 -15.66
C SER C 128 5.32 -8.10 -14.47
N MET C 129 5.08 -6.98 -13.82
CA MET C 129 5.90 -6.59 -12.69
C MET C 129 5.08 -6.19 -11.49
N TYR C 130 5.57 -6.56 -10.31
CA TYR C 130 4.94 -6.21 -9.05
C TYR C 130 5.51 -4.85 -8.66
N LEU C 131 4.66 -3.91 -8.26
CA LEU C 131 5.09 -2.58 -7.86
C LEU C 131 4.65 -2.30 -6.42
N SER C 132 5.49 -1.60 -5.68
CA SER C 132 5.16 -1.26 -4.30
C SER C 132 5.94 -0.03 -3.83
N LEU C 133 5.53 0.53 -2.70
CA LEU C 133 6.23 1.64 -2.10
C LEU C 133 7.26 1.00 -1.18
N GLN D 3 -11.83 -11.79 2.81
CA GLN D 3 -10.39 -11.65 2.49
C GLN D 3 -9.62 -12.93 2.83
N SER D 4 -8.47 -13.11 2.21
CA SER D 4 -7.64 -14.29 2.48
C SER D 4 -6.43 -13.82 3.26
N GLY D 5 -5.62 -14.77 3.70
CA GLY D 5 -4.45 -14.41 4.47
C GLY D 5 -3.23 -14.14 3.59
N ILE D 6 -3.45 -13.90 2.30
CA ILE D 6 -2.34 -13.64 1.40
C ILE D 6 -2.23 -12.15 1.05
N SER D 7 -1.06 -11.57 1.32
CA SER D 7 -0.83 -10.15 1.03
C SER D 7 -0.90 -9.86 -0.46
N GLN D 8 -1.34 -8.64 -0.80
CA GLN D 8 -1.47 -8.22 -2.19
C GLN D 8 -0.57 -7.04 -2.55
N THR D 9 -0.27 -6.92 -3.84
CA THR D 9 0.53 -5.80 -4.32
C THR D 9 0.03 -5.43 -5.71
N VAL D 10 0.30 -4.20 -6.11
CA VAL D 10 -0.09 -3.74 -7.43
C VAL D 10 0.72 -4.54 -8.45
N ILE D 11 0.10 -4.94 -9.56
CA ILE D 11 0.79 -5.67 -10.60
C ILE D 11 0.43 -5.06 -11.95
N VAL D 12 1.44 -4.68 -12.71
CA VAL D 12 1.22 -4.10 -14.02
C VAL D 12 1.76 -5.05 -15.10
N GLY D 13 1.07 -5.07 -16.22
CA GLY D 13 1.44 -5.95 -17.32
C GLY D 13 0.22 -6.80 -17.64
N PRO D 14 0.38 -7.83 -18.47
CA PRO D 14 1.65 -8.22 -19.08
C PRO D 14 1.94 -7.52 -20.40
N TRP D 15 3.21 -7.52 -20.77
CA TRP D 15 3.65 -6.97 -22.04
C TRP D 15 4.17 -8.19 -22.79
N GLY D 16 3.80 -8.30 -24.06
CA GLY D 16 4.22 -9.45 -24.85
C GLY D 16 2.97 -10.14 -25.40
N ALA D 17 3.01 -11.45 -25.53
CA ALA D 17 1.88 -12.20 -26.06
C ALA D 17 0.67 -12.06 -25.14
N LYS D 18 -0.53 -12.24 -25.70
CA LYS D 18 -1.75 -12.14 -24.91
C LYS D 18 -2.14 -13.49 -24.32
N GLY E 1 -26.11 3.88 18.02
CA GLY E 1 -26.11 5.31 17.56
C GLY E 1 -26.04 5.41 16.05
N LYS E 2 -25.54 6.53 15.56
CA LYS E 2 -25.41 6.73 14.12
C LYS E 2 -23.98 6.49 13.67
N ALA E 3 -23.79 5.49 12.81
CA ALA E 3 -22.47 5.16 12.32
C ALA E 3 -21.99 6.19 11.29
N PHE E 4 -20.67 6.34 11.20
CA PHE E 4 -20.08 7.26 10.25
C PHE E 4 -18.79 6.66 9.72
N ASP E 5 -18.39 7.08 8.53
CA ASP E 5 -17.16 6.60 7.91
C ASP E 5 -16.64 7.72 7.02
N ASP E 6 -15.63 8.44 7.49
CA ASP E 6 -15.08 9.55 6.72
C ASP E 6 -14.30 9.08 5.49
N GLY E 7 -13.69 7.91 5.59
CA GLY E 7 -12.92 7.40 4.47
C GLY E 7 -11.47 7.79 4.68
N ALA E 8 -10.64 7.60 3.66
CA ALA E 8 -9.22 7.93 3.75
C ALA E 8 -8.88 9.18 2.95
N PHE E 9 -7.95 9.97 3.49
CA PHE E 9 -7.51 11.18 2.84
C PHE E 9 -5.98 11.16 2.78
N THR E 10 -5.35 12.30 2.59
CA THR E 10 -3.89 12.29 2.50
C THR E 10 -3.18 12.77 3.75
N GLY E 11 -3.94 13.21 4.75
CA GLY E 11 -3.35 13.67 5.99
C GLY E 11 -4.38 14.27 6.93
N ILE E 12 -3.95 14.70 8.10
CA ILE E 12 -4.85 15.30 9.09
C ILE E 12 -4.36 16.71 9.42
N ARG E 13 -5.28 17.67 9.39
CA ARG E 13 -4.94 19.06 9.70
C ARG E 13 -5.45 19.50 11.05
N GLU E 14 -6.67 19.09 11.40
CA GLU E 14 -7.26 19.50 12.66
C GLU E 14 -8.29 18.50 13.15
N ILE E 15 -8.38 18.34 14.46
CA ILE E 15 -9.35 17.44 15.06
C ILE E 15 -10.18 18.19 16.09
N ASN E 16 -11.50 18.11 15.95
CA ASN E 16 -12.40 18.76 16.90
C ASN E 16 -13.26 17.70 17.58
N LEU E 17 -13.18 17.64 18.90
CA LEU E 17 -13.96 16.67 19.66
C LEU E 17 -14.47 17.29 20.95
N SER E 18 -15.43 16.64 21.58
CA SER E 18 -15.96 17.13 22.85
C SER E 18 -16.03 15.97 23.82
N TYR E 19 -16.01 16.28 25.11
CA TYR E 19 -16.06 15.24 26.12
C TYR E 19 -16.78 15.74 27.36
N ASN E 20 -17.04 14.81 28.28
CA ASN E 20 -17.70 15.12 29.54
C ASN E 20 -16.96 14.27 30.57
N LYS E 21 -16.30 14.92 31.51
CA LYS E 21 -15.52 14.23 32.53
C LYS E 21 -16.29 13.22 33.38
N GLU E 22 -17.60 13.10 33.15
CA GLU E 22 -18.40 12.16 33.91
C GLU E 22 -18.93 11.01 33.06
N THR E 23 -18.83 11.17 31.75
CA THR E 23 -19.31 10.13 30.87
C THR E 23 -18.26 9.70 29.86
N ALA E 24 -18.33 10.23 28.65
CA ALA E 24 -17.37 9.84 27.62
C ALA E 24 -17.25 10.92 26.55
N ILE E 25 -16.63 10.53 25.44
CA ILE E 25 -16.45 11.45 24.33
C ILE E 25 -17.77 11.62 23.60
N GLY E 26 -18.07 12.85 23.20
CA GLY E 26 -19.32 13.11 22.53
C GLY E 26 -19.19 13.33 21.03
N ASP E 27 -18.90 14.56 20.63
CA ASP E 27 -18.77 14.91 19.21
C ASP E 27 -17.37 14.64 18.65
N PHE E 28 -17.32 14.40 17.33
CA PHE E 28 -16.06 14.14 16.66
C PHE E 28 -16.12 14.66 15.23
N GLN E 29 -15.15 15.50 14.86
CA GLN E 29 -15.09 16.06 13.53
C GLN E 29 -13.63 16.30 13.17
N VAL E 30 -13.26 16.03 11.92
CA VAL E 30 -11.87 16.19 11.50
C VAL E 30 -11.73 17.01 10.22
N VAL E 31 -10.69 17.82 10.15
CA VAL E 31 -10.42 18.59 8.94
C VAL E 31 -9.23 17.85 8.36
N TYR E 32 -9.43 17.19 7.23
CA TYR E 32 -8.37 16.43 6.60
C TYR E 32 -7.64 17.24 5.55
N ASP E 33 -6.52 16.68 5.09
CA ASP E 33 -5.80 17.29 4.00
C ASP E 33 -6.19 16.43 2.82
N LEU E 34 -6.48 17.07 1.69
CA LEU E 34 -6.83 16.34 0.48
C LEU E 34 -5.92 16.86 -0.60
N ASN E 35 -4.78 16.19 -0.78
CA ASN E 35 -3.83 16.59 -1.80
C ASN E 35 -3.37 18.04 -1.66
N GLY E 36 -3.09 18.47 -0.44
CA GLY E 36 -2.61 19.83 -0.22
C GLY E 36 -3.63 20.88 0.17
N SER E 37 -4.91 20.55 0.07
CA SER E 37 -5.95 21.49 0.43
C SER E 37 -6.78 20.94 1.57
N PRO E 38 -7.27 21.83 2.46
CA PRO E 38 -8.08 21.39 3.59
C PRO E 38 -9.41 20.82 3.13
N TYR E 39 -9.86 19.76 3.80
CA TYR E 39 -11.14 19.16 3.47
C TYR E 39 -11.88 18.97 4.79
N VAL E 40 -12.97 19.70 4.95
CA VAL E 40 -13.76 19.64 6.17
C VAL E 40 -14.68 18.42 6.22
N GLY E 41 -14.36 17.47 7.09
CA GLY E 41 -15.19 16.29 7.21
C GLY E 41 -16.48 16.65 7.93
N GLN E 42 -17.51 15.83 7.75
CA GLN E 42 -18.79 16.09 8.40
C GLN E 42 -18.63 16.08 9.90
N ASN E 43 -19.46 16.86 10.58
CA ASN E 43 -19.41 16.89 12.02
C ASN E 43 -20.31 15.77 12.53
N HIS E 44 -19.72 14.86 13.29
CA HIS E 44 -20.45 13.73 13.84
C HIS E 44 -20.77 14.12 15.28
N LYS E 45 -22.03 14.46 15.52
CA LYS E 45 -22.46 14.92 16.83
C LYS E 45 -23.25 13.92 17.66
N SER E 46 -23.13 14.08 18.97
CA SER E 46 -23.85 13.26 19.94
C SER E 46 -25.31 13.67 19.92
N PHE E 47 -26.20 12.76 20.32
CA PHE E 47 -27.62 13.06 20.35
C PHE E 47 -27.98 13.98 21.52
N ILE E 48 -27.04 14.17 22.44
CA ILE E 48 -27.28 15.03 23.58
C ILE E 48 -26.23 16.12 23.65
N THR E 49 -26.35 17.01 24.63
CA THR E 49 -25.41 18.12 24.79
C THR E 49 -24.77 18.13 26.17
N GLY E 50 -23.97 19.16 26.45
CA GLY E 50 -23.33 19.28 27.74
C GLY E 50 -21.85 18.91 27.73
N PHE E 51 -21.28 18.78 26.53
CA PHE E 51 -19.88 18.41 26.37
C PHE E 51 -18.97 19.61 26.28
N THR E 52 -17.70 19.41 26.64
CA THR E 52 -16.70 20.46 26.58
C THR E 52 -15.96 20.33 25.25
N PRO E 53 -15.97 21.40 24.42
CA PRO E 53 -15.30 21.38 23.13
C PRO E 53 -13.78 21.46 23.22
N VAL E 54 -13.11 20.80 22.28
CA VAL E 54 -11.66 20.80 22.21
C VAL E 54 -11.24 20.88 20.74
N LYS E 55 -10.24 21.70 20.44
CA LYS E 55 -9.76 21.82 19.08
C LYS E 55 -8.27 21.53 19.04
N ILE E 56 -7.90 20.55 18.21
CA ILE E 56 -6.50 20.18 18.07
C ILE E 56 -6.05 20.61 16.67
N SER E 57 -5.33 21.72 16.60
CA SER E 57 -4.84 22.24 15.33
C SER E 57 -3.39 21.83 15.15
N LEU E 58 -3.15 20.92 14.21
CA LEU E 58 -1.79 20.44 13.95
C LEU E 58 -1.06 21.33 12.96
N ASP E 59 0.24 21.46 13.15
CA ASP E 59 1.07 22.25 12.25
C ASP E 59 1.41 21.38 11.05
N PHE E 60 0.39 21.09 10.25
CA PHE E 60 0.51 20.28 9.05
C PHE E 60 1.44 20.99 8.05
N PRO E 61 2.33 20.25 7.37
CA PRO E 61 2.53 18.79 7.45
C PRO E 61 3.71 18.35 8.31
N SER E 62 4.41 19.30 8.94
CA SER E 62 5.56 18.94 9.76
C SER E 62 5.15 18.20 11.02
N GLU E 63 3.95 18.47 11.52
CA GLU E 63 3.45 17.79 12.72
C GLU E 63 2.40 16.76 12.33
N TYR E 64 2.56 15.55 12.86
CA TYR E 64 1.63 14.47 12.58
C TYR E 64 1.51 13.52 13.78
N ILE E 65 0.38 12.83 13.87
CA ILE E 65 0.12 11.90 14.98
C ILE E 65 1.01 10.67 14.94
N MET E 66 1.67 10.38 16.06
CA MET E 66 2.54 9.21 16.16
C MET E 66 1.92 8.15 17.06
N GLU E 67 0.98 8.55 17.90
CA GLU E 67 0.32 7.60 18.79
C GLU E 67 -1.04 8.09 19.26
N VAL E 68 -2.00 7.18 19.25
CA VAL E 68 -3.34 7.48 19.71
C VAL E 68 -3.59 6.50 20.85
N SER E 69 -4.11 7.01 21.96
CA SER E 69 -4.39 6.14 23.09
C SER E 69 -5.67 6.62 23.77
N GLY E 70 -6.19 5.82 24.69
CA GLY E 70 -7.41 6.22 25.37
C GLY E 70 -7.93 5.11 26.25
N TYR E 71 -9.20 5.21 26.61
CA TYR E 71 -9.85 4.23 27.46
C TYR E 71 -11.24 3.91 26.96
N THR E 72 -11.66 2.67 27.13
CA THR E 72 -12.99 2.24 26.76
C THR E 72 -13.58 1.74 28.07
N GLY E 73 -14.90 1.76 28.18
CA GLY E 73 -15.51 1.31 29.41
C GLY E 73 -17.01 1.42 29.37
N ASN E 74 -17.65 1.07 30.47
CA ASN E 74 -19.10 1.11 30.53
C ASN E 74 -19.64 2.41 31.07
N VAL E 75 -20.64 2.93 30.37
CA VAL E 75 -21.32 4.14 30.78
C VAL E 75 -22.78 3.81 30.51
N SER E 76 -23.59 3.82 31.56
CA SER E 76 -25.02 3.54 31.42
C SER E 76 -25.29 2.20 30.75
N GLY E 77 -24.42 1.22 30.97
CA GLY E 77 -24.61 -0.09 30.39
C GLY E 77 -24.13 -0.29 28.96
N TYR E 78 -23.52 0.74 28.38
CA TYR E 78 -22.99 0.65 27.01
C TYR E 78 -21.48 0.71 27.07
N VAL E 79 -20.81 0.00 26.16
CA VAL E 79 -19.35 0.05 26.09
C VAL E 79 -19.03 1.15 25.10
N VAL E 80 -18.33 2.18 25.57
CA VAL E 80 -17.97 3.32 24.73
C VAL E 80 -16.54 3.79 24.95
N VAL E 81 -16.11 4.74 24.13
CA VAL E 81 -14.77 5.31 24.26
C VAL E 81 -14.90 6.46 25.24
N ARG E 82 -14.24 6.34 26.38
CA ARG E 82 -14.35 7.35 27.41
C ARG E 82 -13.29 8.45 27.37
N SER E 83 -12.12 8.12 26.83
CA SER E 83 -11.03 9.09 26.77
C SER E 83 -10.14 8.89 25.54
N LEU E 84 -9.55 9.97 25.06
CA LEU E 84 -8.65 9.93 23.92
C LEU E 84 -7.46 10.84 24.16
N THR E 85 -6.30 10.43 23.66
CA THR E 85 -5.08 11.20 23.78
C THR E 85 -4.36 11.11 22.43
N PHE E 86 -3.91 12.24 21.91
CA PHE E 86 -3.21 12.27 20.63
C PHE E 86 -1.79 12.78 20.83
N LYS E 87 -0.82 11.96 20.49
CA LYS E 87 0.58 12.33 20.63
C LYS E 87 1.19 12.53 19.25
N THR E 88 1.75 13.71 19.00
CA THR E 88 2.37 14.00 17.72
C THR E 88 3.88 14.06 17.92
N ASN E 89 4.61 14.34 16.84
CA ASN E 89 6.06 14.43 16.94
C ASN E 89 6.48 15.74 17.60
N LYS E 90 5.51 16.57 17.96
CA LYS E 90 5.80 17.84 18.59
C LYS E 90 5.17 18.05 19.96
N LYS E 91 3.99 17.47 20.18
CA LYS E 91 3.31 17.66 21.46
C LYS E 91 2.31 16.54 21.75
N THR E 92 1.81 16.53 22.98
CA THR E 92 0.82 15.54 23.41
C THR E 92 -0.47 16.29 23.72
N TYR E 93 -1.56 15.89 23.06
CA TYR E 93 -2.84 16.53 23.28
C TYR E 93 -3.75 15.59 24.05
N GLY E 94 -4.08 15.99 25.28
CA GLY E 94 -4.95 15.16 26.10
C GLY E 94 -4.24 14.75 27.38
N PRO E 95 -4.79 13.79 28.13
CA PRO E 95 -6.03 13.09 27.80
C PRO E 95 -7.28 13.95 27.87
N TYR E 96 -8.25 13.63 27.02
CA TYR E 96 -9.52 14.33 27.00
C TYR E 96 -10.58 13.33 27.41
N GLY E 97 -11.26 13.60 28.53
CA GLY E 97 -12.29 12.69 28.99
C GLY E 97 -11.86 11.94 30.24
N VAL E 98 -12.63 10.92 30.60
CA VAL E 98 -12.34 10.14 31.80
C VAL E 98 -11.33 9.02 31.55
N THR E 99 -10.20 9.07 32.25
CA THR E 99 -9.17 8.04 32.09
C THR E 99 -9.47 6.85 33.00
N SER E 100 -10.62 6.23 32.79
CA SER E 100 -11.03 5.09 33.58
C SER E 100 -11.53 3.98 32.68
N GLY E 101 -11.30 2.73 33.08
CA GLY E 101 -11.74 1.60 32.28
C GLY E 101 -10.58 0.80 31.75
N THR E 102 -10.67 0.36 30.50
CA THR E 102 -9.63 -0.44 29.87
C THR E 102 -8.85 0.43 28.89
N PRO E 103 -7.53 0.56 29.10
CA PRO E 103 -6.75 1.38 28.17
C PRO E 103 -6.44 0.67 26.86
N PHE E 104 -6.11 1.45 25.85
CA PHE E 104 -5.73 0.94 24.55
C PHE E 104 -4.76 1.99 24.01
N ASN E 105 -3.86 1.59 23.15
CA ASN E 105 -2.93 2.55 22.56
C ASN E 105 -2.37 2.02 21.26
N LEU E 106 -2.23 2.92 20.28
CA LEU E 106 -1.72 2.55 18.98
C LEU E 106 -0.55 3.42 18.58
N PRO E 107 0.68 2.96 18.85
CA PRO E 107 1.90 3.69 18.50
C PRO E 107 2.16 3.35 17.04
N ILE E 108 2.61 4.32 16.25
CA ILE E 108 2.88 4.08 14.85
C ILE E 108 4.38 4.28 14.63
N GLU E 109 5.06 3.23 14.19
CA GLU E 109 6.49 3.30 13.94
C GLU E 109 6.75 3.83 12.53
N ASN E 110 5.95 3.40 11.58
CA ASN E 110 6.06 3.83 10.19
C ASN E 110 4.67 3.86 9.58
N GLY E 111 4.25 5.02 9.07
CA GLY E 111 2.92 5.13 8.49
C GLY E 111 2.21 6.34 9.04
N LEU E 112 1.00 6.58 8.55
CA LEU E 112 0.20 7.73 8.98
C LEU E 112 -1.27 7.40 9.11
N ILE E 113 -1.94 8.13 10.01
CA ILE E 113 -3.38 7.98 10.19
C ILE E 113 -3.95 8.90 9.12
N VAL E 114 -4.86 8.39 8.29
CA VAL E 114 -5.42 9.21 7.22
C VAL E 114 -6.95 9.22 7.16
N GLY E 115 -7.60 8.69 8.19
CA GLY E 115 -9.05 8.66 8.18
C GLY E 115 -9.63 8.03 9.43
N PHE E 116 -10.91 8.28 9.67
CA PHE E 116 -11.60 7.75 10.84
C PHE E 116 -13.00 7.25 10.48
N LYS E 117 -13.49 6.31 11.28
CA LYS E 117 -14.83 5.76 11.13
C LYS E 117 -15.24 5.33 12.52
N GLY E 118 -16.53 5.13 12.71
CA GLY E 118 -17.02 4.73 14.02
C GLY E 118 -18.51 4.93 14.13
N SER E 119 -19.00 5.17 15.34
CA SER E 119 -20.43 5.37 15.55
C SER E 119 -20.63 6.22 16.80
N ILE E 120 -21.63 7.09 16.76
CA ILE E 120 -21.92 7.95 17.90
C ILE E 120 -23.41 8.03 18.17
N GLY E 121 -23.79 7.75 19.43
CA GLY E 121 -25.18 7.84 19.83
C GLY E 121 -25.12 8.97 20.84
N TYR E 122 -25.21 8.64 22.12
CA TYR E 122 -25.07 9.67 23.15
C TYR E 122 -23.57 9.92 23.23
N TRP E 123 -22.80 8.87 23.00
CA TRP E 123 -21.35 8.94 23.07
C TRP E 123 -20.71 8.17 21.92
N LEU E 124 -19.39 8.28 21.81
CA LEU E 124 -18.64 7.58 20.77
C LEU E 124 -18.60 6.10 21.16
N ASP E 125 -19.40 5.28 20.50
CA ASP E 125 -19.46 3.84 20.79
C ASP E 125 -18.20 3.08 20.41
N TYR E 126 -17.61 3.45 19.29
CA TYR E 126 -16.37 2.82 18.83
C TYR E 126 -15.82 3.60 17.66
N PHE E 127 -14.54 3.38 17.36
CA PHE E 127 -13.93 4.06 16.23
C PHE E 127 -12.78 3.20 15.70
N SER E 128 -12.46 3.42 14.44
CA SER E 128 -11.37 2.71 13.77
C SER E 128 -10.58 3.77 13.01
N MET E 129 -9.35 3.43 12.63
CA MET E 129 -8.51 4.37 11.91
C MET E 129 -7.91 3.80 10.64
N TYR E 130 -7.89 4.62 9.59
CA TYR E 130 -7.31 4.22 8.30
C TYR E 130 -5.82 4.55 8.40
N LEU E 131 -4.97 3.62 7.97
CA LEU E 131 -3.53 3.80 8.01
C LEU E 131 -2.94 3.69 6.61
N SER E 132 -1.92 4.49 6.32
CA SER E 132 -1.31 4.45 5.00
C SER E 132 0.13 4.92 5.07
N LEU E 133 0.90 4.66 4.01
CA LEU E 133 2.28 5.12 3.95
C LEU E 133 2.23 6.50 3.31
N GLN F 3 -12.01 -7.50 -8.68
CA GLN F 3 -12.19 -6.50 -7.58
C GLN F 3 -13.22 -5.45 -7.97
N SER F 4 -13.27 -4.37 -7.19
CA SER F 4 -14.21 -3.28 -7.46
C SER F 4 -13.38 -2.05 -7.81
N GLY F 5 -14.05 -0.97 -8.20
CA GLY F 5 -13.35 0.25 -8.54
C GLY F 5 -13.04 1.13 -7.34
N ILE F 6 -13.19 0.60 -6.14
CA ILE F 6 -12.93 1.37 -4.92
C ILE F 6 -11.59 1.02 -4.29
N SER F 7 -10.73 2.01 -4.13
CA SER F 7 -9.42 1.83 -3.53
C SER F 7 -9.57 1.41 -2.08
N GLN F 8 -8.60 0.67 -1.56
CA GLN F 8 -8.68 0.27 -0.16
C GLN F 8 -7.41 0.59 0.59
N THR F 9 -7.51 0.64 1.91
CA THR F 9 -6.36 0.94 2.74
C THR F 9 -6.48 0.11 4.02
N VAL F 10 -5.38 0.00 4.74
CA VAL F 10 -5.38 -0.74 5.99
C VAL F 10 -6.28 0.00 6.99
N ILE F 11 -7.05 -0.76 7.76
CA ILE F 11 -7.94 -0.19 8.77
C ILE F 11 -7.75 -0.97 10.07
N VAL F 12 -7.42 -0.26 11.14
CA VAL F 12 -7.24 -0.89 12.44
C VAL F 12 -8.36 -0.46 13.37
N GLY F 13 -8.79 -1.39 14.21
CA GLY F 13 -9.87 -1.11 15.15
C GLY F 13 -10.92 -2.18 14.90
N PRO F 14 -12.14 -2.01 15.45
CA PRO F 14 -12.51 -0.85 16.25
C PRO F 14 -12.17 -1.00 17.73
N TRP F 15 -12.07 0.13 18.40
CA TRP F 15 -11.83 0.15 19.84
C TRP F 15 -13.14 0.68 20.40
N GLY F 16 -13.61 0.05 21.47
CA GLY F 16 -14.87 0.45 22.08
C GLY F 16 -15.79 -0.76 22.00
N ALA F 17 -17.04 -0.54 21.61
CA ALA F 17 -18.00 -1.63 21.49
C ALA F 17 -17.51 -2.63 20.45
N LYS F 18 -17.61 -3.91 20.77
CA LYS F 18 -17.16 -4.94 19.85
C LYS F 18 -18.20 -5.21 18.77
N SER F 19 -17.90 -4.78 17.54
CA SER F 19 -18.81 -4.96 16.42
C SER F 19 -18.28 -5.95 15.40
N ALA F 20 -17.12 -6.54 15.69
CA ALA F 20 -16.50 -7.52 14.80
C ALA F 20 -15.94 -8.69 15.57
N GLY G 1 17.48 -6.62 26.15
CA GLY G 1 17.49 -7.91 25.43
C GLY G 1 18.15 -7.78 24.08
N LYS G 2 18.09 -8.87 23.31
CA LYS G 2 18.67 -8.90 21.97
C LYS G 2 17.57 -8.56 20.95
N ALA G 3 17.77 -7.48 20.21
CA ALA G 3 16.78 -7.06 19.23
C ALA G 3 16.73 -7.97 18.01
N PHE G 4 15.57 -8.04 17.38
CA PHE G 4 15.40 -8.83 16.18
C PHE G 4 14.40 -8.14 15.28
N ASP G 5 14.48 -8.42 13.98
CA ASP G 5 13.56 -7.83 13.02
C ASP G 5 13.42 -8.81 11.87
N ASP G 6 12.31 -9.55 11.84
CA ASP G 6 12.08 -10.53 10.78
C ASP G 6 11.82 -9.89 9.42
N GLY G 7 11.26 -8.68 9.41
CA GLY G 7 10.95 -8.03 8.15
C GLY G 7 9.53 -8.37 7.76
N ALA G 8 9.17 -8.08 6.51
CA ALA G 8 7.81 -8.34 6.02
C ALA G 8 7.73 -9.48 5.03
N PHE G 9 6.65 -10.26 5.12
CA PHE G 9 6.42 -11.38 4.23
C PHE G 9 5.04 -11.30 3.58
N THR G 10 4.58 -12.43 3.03
CA THR G 10 3.30 -12.51 2.34
C THR G 10 2.16 -12.91 3.25
N GLY G 11 2.51 -13.47 4.42
CA GLY G 11 1.49 -13.91 5.36
C GLY G 11 2.11 -14.70 6.49
N ILE G 12 1.26 -15.29 7.33
CA ILE G 12 1.72 -16.07 8.47
C ILE G 12 1.11 -17.47 8.44
N ARG G 13 1.95 -18.48 8.66
CA ARG G 13 1.49 -19.87 8.65
C ARG G 13 1.48 -20.51 10.03
N GLU G 14 2.48 -20.18 10.84
CA GLU G 14 2.57 -20.77 12.17
C GLU G 14 3.36 -19.88 13.13
N ILE G 15 2.98 -19.92 14.39
CA ILE G 15 3.67 -19.15 15.41
C ILE G 15 4.07 -20.07 16.56
N ASN G 16 5.36 -20.04 16.89
CA ASN G 16 5.88 -20.87 17.97
C ASN G 16 6.39 -19.96 19.07
N LEU G 17 5.73 -19.98 20.22
CA LEU G 17 6.16 -19.14 21.33
C LEU G 17 6.21 -19.98 22.58
N SER G 18 6.86 -19.47 23.61
CA SER G 18 6.93 -20.19 24.87
C SER G 18 6.60 -19.17 25.94
N TYR G 19 6.09 -19.65 27.08
CA TYR G 19 5.72 -18.74 28.15
C TYR G 19 5.86 -19.47 29.48
N ASN G 20 5.77 -18.69 30.56
CA ASN G 20 5.85 -19.24 31.90
C ASN G 20 4.65 -18.67 32.66
N LYS G 21 3.86 -19.56 33.25
CA LYS G 21 2.65 -19.16 33.98
C LYS G 21 2.84 -18.13 35.09
N GLU G 22 4.08 -17.91 35.50
CA GLU G 22 4.33 -16.96 36.58
C GLU G 22 5.14 -15.73 36.18
N THR G 23 5.65 -15.72 34.96
CA THR G 23 6.44 -14.57 34.54
C THR G 23 5.94 -13.87 33.28
N ALA G 24 6.44 -14.31 32.13
CA ALA G 24 6.06 -13.67 30.88
C ALA G 24 6.37 -14.56 29.67
N ILE G 25 6.33 -13.97 28.48
CA ILE G 25 6.60 -14.69 27.25
C ILE G 25 8.11 -14.81 27.07
N GLY G 26 8.55 -15.96 26.55
CA GLY G 26 9.97 -16.20 26.36
C GLY G 26 10.43 -16.26 24.91
N ASP G 27 10.42 -17.45 24.33
CA ASP G 27 10.86 -17.64 22.94
C ASP G 27 9.78 -17.21 21.95
N PHE G 28 10.20 -16.81 20.75
CA PHE G 28 9.26 -16.39 19.72
C PHE G 28 9.82 -16.68 18.33
N GLN G 29 9.10 -17.48 17.55
CA GLN G 29 9.51 -17.84 16.21
C GLN G 29 8.27 -17.93 15.32
N VAL G 30 8.40 -17.42 14.10
CA VAL G 30 7.28 -17.44 13.18
C VAL G 30 7.62 -18.12 11.86
N VAL G 31 6.70 -18.92 11.35
CA VAL G 31 6.88 -19.54 10.05
C VAL G 31 5.97 -18.70 9.17
N TYR G 32 6.57 -17.92 8.29
CA TYR G 32 5.80 -17.05 7.42
C TYR G 32 5.49 -17.72 6.10
N ASP G 33 4.74 -17.01 5.27
CA ASP G 33 4.47 -17.48 3.94
C ASP G 33 5.28 -16.51 3.10
N LEU G 34 5.97 -17.02 2.10
CA LEU G 34 6.74 -16.16 1.20
C LEU G 34 6.29 -16.53 -0.20
N ASN G 35 5.31 -15.79 -0.70
CA ASN G 35 4.77 -16.01 -2.03
C ASN G 35 4.30 -17.45 -2.23
N GLY G 36 3.61 -18.01 -1.24
CA GLY G 36 3.09 -19.36 -1.36
C GLY G 36 3.97 -20.47 -0.82
N SER G 37 5.19 -20.13 -0.43
CA SER G 37 6.11 -21.11 0.12
C SER G 37 6.42 -20.81 1.58
N PRO G 38 6.37 -21.84 2.45
CA PRO G 38 6.66 -21.62 3.88
C PRO G 38 8.07 -21.06 4.03
N TYR G 39 8.24 -20.08 4.91
CA TYR G 39 9.55 -19.51 5.15
C TYR G 39 9.77 -19.47 6.66
N VAL G 40 10.73 -20.25 7.13
CA VAL G 40 11.02 -20.33 8.55
C VAL G 40 11.82 -19.16 9.09
N GLY G 41 11.19 -18.36 9.93
CA GLY G 41 11.88 -17.23 10.52
C GLY G 41 12.86 -17.71 11.57
N GLN G 42 13.87 -16.90 11.85
CA GLN G 42 14.87 -17.24 12.86
C GLN G 42 14.18 -17.40 14.22
N ASN G 43 14.65 -18.37 15.00
CA ASN G 43 14.06 -18.59 16.32
C ASN G 43 14.69 -17.60 17.30
N HIS G 44 13.86 -16.74 17.88
CA HIS G 44 14.34 -15.74 18.82
C HIS G 44 14.11 -16.32 20.20
N VAL G 45 15.20 -16.80 20.81
CA VAL G 45 15.11 -17.44 22.12
C VAL G 45 15.51 -16.63 23.34
N SER G 46 14.88 -16.96 24.46
CA SER G 46 15.16 -16.32 25.73
C SER G 46 16.54 -16.74 26.20
N PHE G 47 17.17 -15.93 27.03
CA PHE G 47 18.49 -16.28 27.57
C PHE G 47 18.36 -17.38 28.61
N ILE G 48 17.13 -17.60 29.10
CA ILE G 48 16.92 -18.63 30.12
C ILE G 48 15.94 -19.70 29.67
N THR G 49 15.73 -20.72 30.51
CA THR G 49 14.84 -21.81 30.19
C THR G 49 13.70 -21.93 31.21
N GLY G 50 12.93 -23.00 31.09
CA GLY G 50 11.81 -23.22 32.00
C GLY G 50 10.47 -22.77 31.46
N PHE G 51 10.39 -22.53 30.15
CA PHE G 51 9.16 -22.09 29.51
C PHE G 51 8.36 -23.24 28.94
N THR G 52 7.06 -23.01 28.76
CA THR G 52 6.16 -24.01 28.18
C THR G 52 5.97 -23.61 26.72
N PRO G 53 6.34 -24.50 25.79
CA PRO G 53 6.19 -24.18 24.37
C PRO G 53 4.77 -24.33 23.85
N VAL G 54 4.41 -23.47 22.91
CA VAL G 54 3.09 -23.50 22.29
C VAL G 54 3.28 -23.38 20.78
N LYS G 55 2.52 -24.15 20.02
CA LYS G 55 2.61 -24.09 18.58
C LYS G 55 1.23 -23.72 18.02
N ILE G 56 1.16 -22.60 17.33
CA ILE G 56 -0.09 -22.15 16.73
C ILE G 56 0.02 -22.37 15.22
N SER G 57 -0.63 -23.43 14.73
CA SER G 57 -0.60 -23.75 13.31
C SER G 57 -1.89 -23.27 12.67
N LEU G 58 -1.79 -22.24 11.84
CA LEU G 58 -2.96 -21.68 11.17
C LEU G 58 -3.28 -22.42 9.88
N ASP G 59 -4.56 -22.43 9.54
CA ASP G 59 -5.02 -23.06 8.32
C ASP G 59 -4.87 -22.05 7.18
N PHE G 60 -3.62 -21.71 6.89
CA PHE G 60 -3.29 -20.74 5.84
C PHE G 60 -3.73 -21.30 4.48
N PRO G 61 -4.30 -20.45 3.60
CA PRO G 61 -4.55 -19.01 3.76
C PRO G 61 -5.96 -18.64 4.22
N SER G 62 -6.83 -19.62 4.41
CA SER G 62 -8.20 -19.33 4.84
C SER G 62 -8.29 -18.76 6.25
N GLU G 63 -7.34 -19.14 7.11
CA GLU G 63 -7.34 -18.65 8.48
C GLU G 63 -6.24 -17.60 8.67
N TYR G 64 -6.60 -16.47 9.26
CA TYR G 64 -5.64 -15.40 9.50
C TYR G 64 -5.97 -14.62 10.77
N ILE G 65 -4.93 -14.03 11.35
CA ILE G 65 -5.09 -13.27 12.59
C ILE G 65 -5.89 -11.99 12.37
N MET G 66 -6.92 -11.79 13.20
CA MET G 66 -7.77 -10.61 13.12
C MET G 66 -7.52 -9.69 14.30
N GLU G 67 -6.93 -10.23 15.37
CA GLU G 67 -6.63 -9.41 16.53
C GLU G 67 -5.53 -9.98 17.40
N VAL G 68 -4.66 -9.11 17.87
CA VAL G 68 -3.58 -9.51 18.75
C VAL G 68 -3.76 -8.67 20.01
N SER G 69 -3.72 -9.31 21.16
CA SER G 69 -3.87 -8.57 22.40
C SER G 69 -2.93 -9.15 23.44
N GLY G 70 -2.79 -8.46 24.56
CA GLY G 70 -1.90 -8.96 25.59
C GLY G 70 -1.77 -7.96 26.71
N TYR G 71 -0.77 -8.19 27.56
CA TYR G 71 -0.50 -7.33 28.69
C TYR G 71 0.99 -7.07 28.80
N THR G 72 1.34 -5.87 29.23
CA THR G 72 2.73 -5.52 29.46
C THR G 72 2.78 -5.20 30.94
N GLY G 73 3.85 -5.62 31.60
CA GLY G 73 3.97 -5.37 33.01
C GLY G 73 5.38 -5.59 33.51
N ASN G 74 5.59 -5.30 34.79
CA ASN G 74 6.90 -5.44 35.40
C ASN G 74 7.17 -6.85 35.93
N VAL G 75 8.36 -7.36 35.59
CA VAL G 75 8.80 -8.68 36.04
C VAL G 75 10.26 -8.50 36.44
N SER G 76 10.54 -8.67 37.74
CA SER G 76 11.90 -8.52 38.24
C SER G 76 12.48 -7.16 37.90
N GLY G 77 11.63 -6.14 37.84
CA GLY G 77 12.11 -4.80 37.54
C GLY G 77 12.16 -4.43 36.06
N TYR G 78 11.79 -5.38 35.20
CA TYR G 78 11.80 -5.13 33.77
C TYR G 78 10.37 -5.09 33.21
N VAL G 79 10.11 -4.11 32.35
CA VAL G 79 8.80 -4.02 31.73
C VAL G 79 8.87 -4.94 30.52
N VAL G 80 8.02 -5.95 30.51
CA VAL G 80 8.01 -6.91 29.41
C VAL G 80 6.60 -7.29 29.00
N VAL G 81 6.48 -8.05 27.91
CA VAL G 81 5.20 -8.51 27.42
C VAL G 81 4.92 -9.77 28.25
N ARG G 82 3.93 -9.70 29.14
CA ARG G 82 3.62 -10.83 29.99
C ARG G 82 2.64 -11.84 29.43
N SER G 83 1.81 -11.41 28.49
CA SER G 83 0.81 -12.30 27.92
C SER G 83 0.48 -11.92 26.48
N LEU G 84 0.08 -12.93 25.71
CA LEU G 84 -0.33 -12.72 24.32
C LEU G 84 -1.53 -13.60 24.00
N THR G 85 -2.42 -13.07 23.17
CA THR G 85 -3.60 -13.78 22.72
C THR G 85 -3.74 -13.49 21.24
N PHE G 86 -3.95 -14.53 20.45
CA PHE G 86 -4.12 -14.37 19.00
C PHE G 86 -5.51 -14.84 18.61
N LYS G 87 -6.29 -13.93 18.02
CA LYS G 87 -7.63 -14.28 17.59
C LYS G 87 -7.68 -14.28 16.07
N THR G 88 -8.06 -15.41 15.48
CA THR G 88 -8.17 -15.51 14.03
C THR G 88 -9.64 -15.48 13.66
N ASN G 89 -9.94 -15.63 12.38
CA ASN G 89 -11.31 -15.63 11.93
C ASN G 89 -11.95 -16.98 12.23
N LYS G 90 -11.16 -17.89 12.80
CA LYS G 90 -11.66 -19.22 13.13
C LYS G 90 -11.61 -19.59 14.62
N LYS G 91 -10.55 -19.20 15.32
CA LYS G 91 -10.42 -19.53 16.74
C LYS G 91 -9.65 -18.49 17.51
N THR G 92 -9.60 -18.68 18.83
CA THR G 92 -8.85 -17.80 19.71
C THR G 92 -7.74 -18.64 20.33
N TYR G 93 -6.51 -18.17 20.23
CA TYR G 93 -5.38 -18.90 20.80
C TYR G 93 -4.82 -18.10 21.97
N GLY G 94 -4.91 -18.68 23.17
CA GLY G 94 -4.42 -18.00 24.35
C GLY G 94 -5.58 -17.65 25.26
N PRO G 95 -5.38 -16.78 26.27
CA PRO G 95 -4.12 -16.10 26.57
C PRO G 95 -3.01 -17.01 27.05
N TYR G 96 -1.78 -16.65 26.67
CA TYR G 96 -0.60 -17.40 27.07
C TYR G 96 0.22 -16.47 27.96
N GLY G 97 0.50 -16.90 29.19
CA GLY G 97 1.28 -16.09 30.09
C GLY G 97 0.45 -15.60 31.26
N VAL G 98 0.75 -14.39 31.74
CA VAL G 98 0.05 -13.80 32.86
C VAL G 98 -0.68 -12.53 32.43
N THR G 99 -2.00 -12.48 32.62
CA THR G 99 -2.77 -11.32 32.23
C THR G 99 -2.85 -10.28 33.34
N SER G 100 -1.68 -9.75 33.69
CA SER G 100 -1.57 -8.75 34.72
C SER G 100 -0.76 -7.57 34.18
N GLY G 101 -1.17 -6.35 34.52
CA GLY G 101 -0.45 -5.19 34.04
C GLY G 101 -1.33 -4.29 33.22
N THR G 102 -0.77 -3.75 32.14
CA THR G 102 -1.50 -2.87 31.26
C THR G 102 -1.87 -3.61 29.98
N PRO G 103 -3.16 -3.70 29.67
CA PRO G 103 -3.54 -4.41 28.45
C PRO G 103 -3.35 -3.55 27.21
N PHE G 104 -3.25 -4.22 26.06
CA PHE G 104 -3.13 -3.55 24.79
C PHE G 104 -3.80 -4.49 23.80
N ASN G 105 -4.31 -3.95 22.71
CA ASN G 105 -4.93 -4.82 21.72
C ASN G 105 -4.94 -4.15 20.35
N LEU G 106 -4.75 -4.97 19.33
CA LEU G 106 -4.73 -4.47 17.96
C LEU G 106 -5.67 -5.27 17.09
N PRO G 107 -6.89 -4.79 16.92
CA PRO G 107 -7.89 -5.46 16.08
C PRO G 107 -7.65 -4.93 14.67
N ILE G 108 -7.83 -5.78 13.66
CA ILE G 108 -7.63 -5.35 12.28
C ILE G 108 -8.93 -5.50 11.49
N GLU G 109 -9.44 -4.41 10.94
CA GLU G 109 -10.68 -4.46 10.16
C GLU G 109 -10.37 -4.84 8.73
N ASN G 110 -9.27 -4.30 8.20
CA ASN G 110 -8.86 -4.57 6.83
C ASN G 110 -7.34 -4.59 6.78
N GLY G 111 -6.77 -5.69 6.30
CA GLY G 111 -5.32 -5.78 6.23
C GLY G 111 -4.81 -7.04 6.90
N LEU G 112 -3.50 -7.22 6.89
CA LEU G 112 -2.89 -8.41 7.46
C LEU G 112 -1.58 -8.11 8.18
N ILE G 113 -1.28 -8.92 9.19
CA ILE G 113 -0.02 -8.81 9.91
C ILE G 113 0.92 -9.62 9.04
N VAL G 114 2.03 -9.04 8.60
CA VAL G 114 2.95 -9.75 7.73
C VAL G 114 4.39 -9.81 8.24
N GLY G 115 4.62 -9.47 9.50
CA GLY G 115 5.98 -9.50 10.02
C GLY G 115 6.05 -9.05 11.46
N PHE G 116 7.13 -9.43 12.13
CA PHE G 116 7.35 -9.07 13.53
C PHE G 116 8.78 -8.59 13.77
N LYS G 117 8.93 -7.74 14.78
CA LYS G 117 10.23 -7.27 15.20
C LYS G 117 10.10 -7.00 16.69
N GLY G 118 11.21 -6.95 17.40
CA GLY G 118 11.14 -6.70 18.82
C GLY G 118 12.46 -6.97 19.50
N SER G 119 12.40 -7.39 20.76
CA SER G 119 13.60 -7.68 21.52
C SER G 119 13.32 -8.71 22.60
N ILE G 120 14.24 -9.66 22.77
CA ILE G 120 14.08 -10.68 23.78
C ILE G 120 15.36 -10.85 24.60
N GLY G 121 15.20 -10.80 25.92
CA GLY G 121 16.31 -11.01 26.83
C GLY G 121 15.87 -12.25 27.58
N TYR G 122 15.55 -12.09 28.86
CA TYR G 122 15.04 -13.22 29.63
C TYR G 122 13.62 -13.43 29.09
N TRP G 123 12.96 -12.31 28.78
CA TRP G 123 11.59 -12.32 28.27
C TRP G 123 11.43 -11.35 27.10
N LEU G 124 10.28 -11.42 26.45
CA LEU G 124 9.98 -10.54 25.33
C LEU G 124 9.85 -9.12 25.86
N ASP G 125 10.85 -8.29 25.57
CA ASP G 125 10.87 -6.90 26.05
C ASP G 125 9.78 -6.06 25.39
N TYR G 126 9.70 -6.12 24.07
CA TYR G 126 8.71 -5.37 23.32
C TYR G 126 8.65 -5.95 21.92
N PHE G 127 7.62 -5.56 21.17
CA PHE G 127 7.50 -6.03 19.80
C PHE G 127 6.60 -5.10 19.02
N SER G 128 6.78 -5.13 17.71
CA SER G 128 5.99 -4.33 16.77
C SER G 128 5.56 -5.26 15.65
N MET G 129 4.58 -4.82 14.88
CA MET G 129 4.07 -5.63 13.79
C MET G 129 3.99 -4.87 12.47
N TYR G 130 4.33 -5.57 11.38
CA TYR G 130 4.26 -5.02 10.05
C TYR G 130 2.85 -5.32 9.55
N LEU G 131 2.20 -4.32 8.96
CA LEU G 131 0.85 -4.49 8.44
C LEU G 131 0.81 -4.19 6.96
N SER G 132 -0.02 -4.91 6.22
CA SER G 132 -0.14 -4.69 4.79
C SER G 132 -1.48 -5.19 4.26
N LEU G 133 -1.82 -4.75 3.05
CA LEU G 133 -3.02 -5.22 2.40
C LEU G 133 -2.61 -6.50 1.66
N GLN H 3 12.95 7.15 -2.99
CA GLN H 3 14.27 7.64 -2.49
C GLN H 3 15.24 6.48 -2.32
N SER H 4 14.78 5.41 -1.66
CA SER H 4 15.60 4.23 -1.44
C SER H 4 15.08 3.05 -2.25
N GLY H 5 15.95 2.08 -2.49
CA GLY H 5 15.55 0.91 -3.25
C GLY H 5 14.95 -0.18 -2.37
N ILE H 6 14.59 0.17 -1.14
CA ILE H 6 14.00 -0.79 -0.19
C ILE H 6 12.51 -0.53 -0.01
N SER H 7 11.70 -1.57 -0.23
CA SER H 7 10.26 -1.44 -0.08
C SER H 7 9.92 -1.15 1.37
N GLN H 8 8.86 -0.38 1.61
CA GLN H 8 8.47 -0.10 2.99
C GLN H 8 7.06 -0.61 3.30
N THR H 9 6.78 -0.74 4.60
CA THR H 9 5.51 -1.26 5.06
C THR H 9 5.07 -0.49 6.30
N VAL H 10 3.76 -0.45 6.53
CA VAL H 10 3.26 0.22 7.73
C VAL H 10 3.75 -0.63 8.90
N ILE H 11 4.16 0.01 9.98
CA ILE H 11 4.61 -0.71 11.17
C ILE H 11 3.95 -0.06 12.39
N VAL H 12 3.32 -0.89 13.22
CA VAL H 12 2.67 -0.40 14.42
C VAL H 12 3.37 -1.00 15.63
N GLY H 13 3.44 -0.20 16.71
CA GLY H 13 4.12 -0.64 17.91
C GLY H 13 5.20 0.38 18.20
N PRO H 14 6.10 0.10 19.15
CA PRO H 14 6.12 -1.15 19.90
C PRO H 14 5.25 -1.11 21.17
N TRP H 15 4.96 -2.30 21.68
CA TRP H 15 4.21 -2.46 22.92
C TRP H 15 5.21 -3.18 23.82
N GLY H 16 5.32 -2.72 25.05
CA GLY H 16 6.27 -3.31 25.98
C GLY H 16 7.19 -2.24 26.53
N ALA H 17 8.44 -2.59 26.78
CA ALA H 17 9.40 -1.62 27.30
C ALA H 17 9.64 -0.50 26.29
N LYS H 18 9.78 0.72 26.80
CA LYS H 18 10.02 1.88 25.95
C LYS H 18 11.51 2.08 25.66
#